data_3ZWZ
#
_entry.id   3ZWZ
#
_cell.length_a   70.150
_cell.length_b   38.260
_cell.length_c   70.750
_cell.angle_alpha   90.00
_cell.angle_beta   99.73
_cell.angle_gamma   90.00
#
_symmetry.space_group_name_H-M   'P 1 21 1'
#
loop_
_entity.id
_entity.type
_entity.pdbx_description
1 polymer 'APICAL MEMBRANE ANTIGEN 1, AMA1'
2 polymer 'RHOPTRY NECK PROTEIN 2'
3 non-polymer GLYCEROL
4 water water
#
loop_
_entity_poly.entity_id
_entity_poly.type
_entity_poly.pdbx_seq_one_letter_code
_entity_poly.pdbx_strand_id
1 'polypeptide(L)'
;GSAMGNYMGNPWTEYMAKYDIEEVHGSGIRVDLGEDAEVAGTQYRLPSGKCPVFGKGIIIENSNTTFLTPVATGNQYLKD
GGFAFPPTEPLMSPMTLDEMRHFYKDNKYVKNLDELTLCSRHAGNMIPDNDKNSNYKYPAVYDDKDKKCHILYIAAQENN
GPRYCNKDESKRNSMFCFRPAKDISFQNYTYLSKNVVDNWEKVCPRKNLQNAKFGLWVDGNCEDIPHVNEFPAIDLFECN
KLVFELSASDQPKQYEQHLTDYEKIKEGFKNKNASMIKSAFLPTGAFKADRYKSHGKGYNWGNYNTETQKCEIFNVKPTC
LINNSSYIATTALSHPIEVEAAALVPR
;
A
2 'polypeptide(L)' DITQQAKDIGAGPVASCFTTRMSPPQQICLNSVVNTALS B
#
loop_
_chem_comp.id
_chem_comp.type
_chem_comp.name
_chem_comp.formula
GOL non-polymer GLYCEROL 'C3 H8 O3'
#
# COMPACT_ATOMS: atom_id res chain seq x y z
N ASN A 10 -31.83 -5.01 -6.08
CA ASN A 10 -30.45 -5.54 -6.38
C ASN A 10 -30.04 -6.60 -5.38
N PRO A 11 -30.16 -7.87 -5.75
CA PRO A 11 -29.67 -8.95 -4.87
C PRO A 11 -28.13 -8.96 -4.75
N TRP A 12 -27.46 -8.05 -5.48
CA TRP A 12 -25.99 -8.07 -5.58
C TRP A 12 -25.35 -7.25 -4.53
N THR A 13 -26.17 -6.47 -3.81
CA THR A 13 -25.73 -5.32 -3.02
C THR A 13 -24.62 -5.64 -2.03
N GLU A 14 -24.78 -6.69 -1.24
CA GLU A 14 -23.76 -6.94 -0.24
C GLU A 14 -22.54 -7.68 -0.76
N TYR A 15 -22.75 -8.61 -1.67
CA TYR A 15 -21.65 -9.24 -2.35
C TYR A 15 -20.70 -8.20 -2.99
N MET A 16 -21.29 -7.17 -3.58
CA MET A 16 -20.54 -6.21 -4.40
C MET A 16 -20.00 -5.07 -3.54
N ALA A 17 -20.28 -5.13 -2.23
CA ALA A 17 -19.94 -4.04 -1.33
C ALA A 17 -18.41 -3.85 -1.26
N LYS A 18 -17.67 -4.96 -1.23
CA LYS A 18 -16.21 -4.90 -1.23
C LYS A 18 -15.62 -4.24 -2.47
N TYR A 19 -16.38 -4.19 -3.56
CA TYR A 19 -15.89 -3.58 -4.80
C TYR A 19 -16.09 -2.08 -4.88
N ASP A 20 -16.76 -1.50 -3.89
CA ASP A 20 -16.99 -0.06 -3.88
C ASP A 20 -15.77 0.54 -3.20
N ILE A 21 -14.71 0.66 -3.97
CA ILE A 21 -13.37 0.97 -3.48
C ILE A 21 -13.31 2.36 -2.85
N GLU A 22 -14.06 3.30 -3.38
CA GLU A 22 -14.14 4.63 -2.79
C GLU A 22 -14.62 4.57 -1.34
N GLU A 23 -15.53 3.64 -1.06
CA GLU A 23 -16.11 3.52 0.27
C GLU A 23 -15.25 2.65 1.18
N VAL A 24 -14.90 1.43 0.75
CA VAL A 24 -14.23 0.50 1.65
C VAL A 24 -12.73 0.77 1.78
N HIS A 25 -12.11 1.33 0.74
CA HIS A 25 -10.69 1.74 0.79
C HIS A 25 -10.54 3.26 1.09
N GLY A 26 -11.21 4.09 0.30
CA GLY A 26 -11.31 5.51 0.60
C GLY A 26 -10.06 6.33 0.43
N SER A 27 -9.03 5.75 -0.22
CA SER A 27 -7.79 6.46 -0.50
C SER A 27 -7.11 6.01 -1.81
N GLY A 28 -6.02 6.66 -2.17
CA GLY A 28 -5.19 6.28 -3.34
C GLY A 28 -4.77 4.82 -3.18
N ILE A 29 -4.41 4.20 -4.30
CA ILE A 29 -4.05 2.79 -4.30
C ILE A 29 -2.61 2.72 -4.83
N ARG A 30 -2.41 3.19 -6.05
CA ARG A 30 -1.08 3.30 -6.62
C ARG A 30 -0.20 4.16 -5.70
N VAL A 31 -0.67 5.36 -5.36
CA VAL A 31 -0.04 6.15 -4.31
C VAL A 31 -1.14 6.53 -3.31
N ASP A 32 -0.93 6.14 -2.04
CA ASP A 32 -1.85 6.36 -0.94
C ASP A 32 -1.21 7.35 0.01
N LEU A 33 -1.71 8.59 -0.02
CA LEU A 33 -1.32 9.67 0.87
C LEU A 33 -2.63 10.40 1.21
N GLY A 34 -3.55 9.65 1.78
CA GLY A 34 -4.90 10.16 1.92
C GLY A 34 -5.23 10.99 3.16
N GLU A 35 -4.29 11.11 4.10
CA GLU A 35 -4.57 11.87 5.31
C GLU A 35 -3.39 12.76 5.62
N ASP A 36 -3.59 13.68 6.55
CA ASP A 36 -2.52 14.56 6.97
C ASP A 36 -2.35 14.36 8.45
N ALA A 37 -1.11 14.41 8.92
CA ALA A 37 -0.81 14.20 10.33
C ALA A 37 0.07 15.34 10.75
N GLU A 38 -0.36 16.05 11.78
CA GLU A 38 0.39 17.20 12.28
C GLU A 38 1.51 16.69 13.19
N VAL A 39 2.71 17.19 12.96
CA VAL A 39 3.83 16.92 13.85
C VAL A 39 4.59 18.26 13.96
N ALA A 40 4.66 18.84 15.16
CA ALA A 40 5.28 20.16 15.37
C ALA A 40 4.86 21.15 14.29
N GLY A 41 3.56 21.22 14.07
CA GLY A 41 3.00 22.27 13.25
C GLY A 41 3.05 22.08 11.75
N THR A 42 3.73 21.03 11.28
CA THR A 42 3.68 20.68 9.87
C THR A 42 2.73 19.51 9.65
N GLN A 43 1.89 19.61 8.62
CA GLN A 43 1.04 18.53 8.19
C GLN A 43 1.76 17.61 7.20
N TYR A 44 2.18 16.45 7.68
CA TYR A 44 2.81 15.47 6.83
C TYR A 44 1.73 14.62 6.20
N ARG A 45 1.96 14.21 4.94
CA ARG A 45 1.05 13.30 4.26
C ARG A 45 1.30 11.84 4.67
N LEU A 46 0.23 11.07 4.86
CA LEU A 46 0.32 9.69 5.38
C LEU A 46 -0.58 8.76 4.55
N PRO A 47 -0.15 7.52 4.26
CA PRO A 47 -1.13 6.52 3.76
C PRO A 47 -2.28 6.29 4.72
N SER A 48 -3.46 6.05 4.15
CA SER A 48 -4.66 6.01 4.97
C SER A 48 -5.72 5.08 4.40
N GLY A 49 -5.39 4.33 3.35
CA GLY A 49 -6.36 3.42 2.78
C GLY A 49 -6.71 2.28 3.75
N LYS A 50 -7.97 1.85 3.71
CA LYS A 50 -8.50 0.91 4.70
C LYS A 50 -8.32 -0.56 4.26
N CYS A 51 -7.99 -0.77 2.99
CA CYS A 51 -7.65 -2.08 2.48
C CYS A 51 -6.15 -2.31 2.24
N PRO A 52 -5.73 -3.57 2.42
CA PRO A 52 -4.40 -4.04 2.06
C PRO A 52 -4.26 -3.95 0.54
N VAL A 53 -3.10 -3.51 0.04
CA VAL A 53 -2.82 -3.50 -1.40
C VAL A 53 -1.89 -4.69 -1.73
N PHE A 54 -2.49 -5.76 -2.25
CA PHE A 54 -1.80 -7.03 -2.50
C PHE A 54 -0.86 -6.99 -3.69
N GLY A 55 0.41 -7.29 -3.45
CA GLY A 55 1.41 -7.28 -4.48
C GLY A 55 2.11 -5.96 -4.78
N LYS A 56 1.80 -4.90 -4.05
CA LYS A 56 2.45 -3.61 -4.29
C LYS A 56 3.78 -3.52 -3.56
N GLY A 57 4.78 -2.98 -4.25
CA GLY A 57 6.07 -2.68 -3.66
C GLY A 57 6.53 -1.39 -4.31
N ILE A 58 7.79 -0.99 -4.04
CA ILE A 58 8.34 0.27 -4.58
C ILE A 58 9.61 -0.09 -5.35
N ILE A 59 9.76 0.49 -6.54
CA ILE A 59 10.96 0.29 -7.34
C ILE A 59 11.80 1.55 -7.27
N ILE A 60 13.05 1.38 -6.86
CA ILE A 60 14.02 2.46 -6.90
C ILE A 60 14.72 2.35 -8.25
N GLU A 61 14.63 3.44 -9.02
CA GLU A 61 15.06 3.52 -10.41
C GLU A 61 16.57 3.51 -10.48
N ASN A 62 17.06 2.84 -11.52
CA ASN A 62 18.47 2.73 -11.79
C ASN A 62 19.30 2.30 -10.59
N SER A 63 18.76 1.41 -9.78
CA SER A 63 19.37 1.07 -8.53
C SER A 63 19.25 -0.43 -8.29
N ASN A 64 20.25 -1.03 -7.66
CA ASN A 64 20.13 -2.41 -7.13
C ASN A 64 19.49 -2.47 -5.72
N THR A 65 19.19 -1.32 -5.11
CA THR A 65 18.70 -1.29 -3.74
C THR A 65 17.21 -1.69 -3.69
N THR A 66 16.90 -2.74 -2.94
CA THR A 66 15.51 -3.17 -2.77
C THR A 66 14.82 -2.32 -1.69
N PHE A 67 13.52 -2.04 -1.84
CA PHE A 67 12.99 -0.98 -1.02
C PHE A 67 12.81 -1.43 0.43
N LEU A 68 12.76 -2.73 0.71
CA LEU A 68 12.65 -3.22 2.10
C LEU A 68 14.00 -3.14 2.88
N THR A 69 15.07 -2.76 2.17
CA THR A 69 16.34 -2.46 2.84
C THR A 69 16.12 -1.27 3.79
N PRO A 70 16.66 -1.32 5.04
CA PRO A 70 16.49 -0.19 5.97
C PRO A 70 16.93 1.15 5.37
N VAL A 71 16.33 2.26 5.79
CA VAL A 71 16.84 3.55 5.34
C VAL A 71 18.27 3.69 5.78
N ALA A 72 19.06 4.45 5.00
CA ALA A 72 20.44 4.75 5.37
C ALA A 72 20.51 5.47 6.72
N THR A 73 21.30 4.90 7.62
CA THR A 73 21.63 5.56 8.86
C THR A 73 23.15 5.66 9.05
N GLY A 74 23.51 6.47 10.03
CA GLY A 74 24.90 6.56 10.44
C GLY A 74 25.77 7.02 9.30
N ASN A 75 26.78 6.21 9.03
CA ASN A 75 27.73 6.42 7.96
C ASN A 75 27.38 5.82 6.59
N GLN A 76 26.15 5.42 6.36
CA GLN A 76 25.80 4.84 5.06
C GLN A 76 25.40 5.91 4.06
N TYR A 77 25.57 5.64 2.77
CA TYR A 77 25.02 6.52 1.78
C TYR A 77 23.52 6.39 1.69
N LEU A 78 22.86 7.48 1.32
CA LEU A 78 21.42 7.43 1.12
C LEU A 78 21.03 6.29 0.15
N LYS A 79 21.68 6.25 -1.00
CA LYS A 79 21.28 5.34 -2.10
C LYS A 79 21.58 3.88 -1.77
N ASP A 80 22.33 3.66 -0.70
CA ASP A 80 22.60 2.30 -0.19
C ASP A 80 21.51 1.73 0.70
N GLY A 81 20.64 2.60 1.23
CA GLY A 81 19.50 2.15 2.05
C GLY A 81 18.22 2.18 1.25
N GLY A 82 17.19 1.49 1.73
CA GLY A 82 15.87 1.51 1.09
C GLY A 82 14.92 2.38 1.87
N PHE A 83 13.73 1.83 2.17
CA PHE A 83 12.61 2.61 2.74
C PHE A 83 12.24 2.21 4.16
N ALA A 84 12.78 1.07 4.60
CA ALA A 84 12.29 0.40 5.80
C ALA A 84 12.91 0.96 7.10
N PHE A 85 12.26 0.73 8.23
CA PHE A 85 12.84 1.13 9.51
C PHE A 85 14.30 0.71 9.64
N PRO A 86 15.12 1.62 10.14
CA PRO A 86 16.49 1.28 10.50
C PRO A 86 16.51 0.46 11.79
N PRO A 87 17.66 -0.15 12.10
CA PRO A 87 17.68 -0.98 13.31
C PRO A 87 17.38 -0.13 14.53
N THR A 88 16.62 -0.69 15.46
CA THR A 88 16.32 0.00 16.72
C THR A 88 16.70 -0.90 17.89
N GLU A 89 16.64 -0.32 19.08
CA GLU A 89 16.82 -1.07 20.32
C GLU A 89 15.68 -0.70 21.25
N PRO A 90 14.85 -1.70 21.63
CA PRO A 90 14.81 -3.05 21.08
C PRO A 90 14.37 -3.04 19.60
N LEU A 91 14.72 -4.10 18.86
CA LEU A 91 14.52 -4.13 17.42
C LEU A 91 13.03 -4.23 17.02
N MET A 92 12.51 -3.16 16.41
CA MET A 92 11.07 -3.14 16.05
C MET A 92 10.76 -3.67 14.63
N SER A 93 11.76 -3.64 13.76
CA SER A 93 11.55 -3.95 12.35
C SER A 93 12.87 -4.41 11.71
N PRO A 94 12.81 -5.46 10.87
CA PRO A 94 11.62 -6.32 10.65
C PRO A 94 11.25 -7.13 11.88
N MET A 95 10.02 -7.60 11.92
CA MET A 95 9.56 -8.46 12.99
C MET A 95 8.75 -9.58 12.37
N THR A 96 9.04 -10.82 12.76
CA THR A 96 8.35 -11.93 12.16
C THR A 96 6.95 -11.99 12.79
N LEU A 97 6.05 -12.75 12.16
CA LEU A 97 4.68 -12.98 12.69
C LEU A 97 4.74 -13.46 14.12
N ASP A 98 5.57 -14.48 14.34
CA ASP A 98 5.83 -15.01 15.68
C ASP A 98 6.30 -14.01 16.70
N GLU A 99 7.33 -13.25 16.35
CA GLU A 99 7.78 -12.15 17.20
C GLU A 99 6.65 -11.19 17.54
N MET A 100 5.82 -10.84 16.54
CA MET A 100 4.74 -9.91 16.81
C MET A 100 3.74 -10.52 17.77
N ARG A 101 3.34 -11.78 17.54
CA ARG A 101 2.41 -12.44 18.43
C ARG A 101 2.92 -12.45 19.87
N HIS A 102 4.23 -12.70 20.03
CA HIS A 102 4.85 -12.63 21.35
C HIS A 102 4.87 -11.21 21.93
N PHE A 103 5.42 -10.27 21.18
CA PHE A 103 5.52 -8.88 21.62
C PHE A 103 4.16 -8.31 22.04
N TYR A 104 3.11 -8.63 21.29
CA TYR A 104 1.78 -8.11 21.56
C TYR A 104 0.85 -9.10 22.26
N LYS A 105 1.43 -10.10 22.89
CA LYS A 105 0.66 -11.21 23.51
C LYS A 105 -0.34 -10.76 24.58
N ASP A 106 -0.07 -9.61 25.20
CA ASP A 106 -0.81 -9.13 26.37
C ASP A 106 -1.87 -8.13 25.97
N ASN A 107 -1.86 -7.74 24.71
CA ASN A 107 -2.75 -6.70 24.25
C ASN A 107 -4.08 -7.25 23.78
N LYS A 108 -5.16 -6.86 24.45
CA LYS A 108 -6.47 -7.46 24.17
C LYS A 108 -6.92 -7.37 22.71
N TYR A 109 -6.68 -6.22 22.08
CA TYR A 109 -7.17 -5.93 20.73
C TYR A 109 -6.30 -6.51 19.60
N VAL A 110 -5.01 -6.66 19.87
CA VAL A 110 -4.03 -6.83 18.81
C VAL A 110 -3.51 -8.28 18.73
N LYS A 111 -3.53 -8.96 19.87
CA LYS A 111 -2.80 -10.21 20.07
C LYS A 111 -3.18 -11.25 19.06
N ASN A 112 -4.44 -11.25 18.61
CA ASN A 112 -4.97 -12.34 17.78
C ASN A 112 -5.37 -11.89 16.39
N LEU A 113 -4.96 -10.71 15.99
CA LEU A 113 -5.27 -10.20 14.65
C LEU A 113 -4.65 -11.08 13.57
N ASP A 114 -5.27 -11.12 12.40
CA ASP A 114 -4.65 -11.73 11.24
C ASP A 114 -3.31 -11.02 10.98
N GLU A 115 -2.45 -11.62 10.17
CA GLU A 115 -1.09 -11.12 10.01
C GLU A 115 -1.01 -9.73 9.42
N LEU A 116 -1.94 -9.38 8.55
CA LEU A 116 -1.83 -8.06 7.87
C LEU A 116 -2.22 -6.91 8.79
N THR A 117 -3.35 -7.08 9.48
CA THR A 117 -3.79 -6.05 10.43
C THR A 117 -2.78 -5.98 11.57
N LEU A 118 -2.28 -7.13 12.03
CA LEU A 118 -1.27 -7.09 13.11
C LEU A 118 -0.05 -6.29 12.65
N CYS A 119 0.38 -6.54 11.41
CA CYS A 119 1.54 -5.80 10.89
C CYS A 119 1.26 -4.29 10.82
N SER A 120 0.05 -3.91 10.40
CA SER A 120 -0.37 -2.47 10.34
C SER A 120 -0.40 -1.84 11.73
N ARG A 121 -0.97 -2.56 12.72
CA ARG A 121 -1.02 -2.04 14.09
C ARG A 121 0.38 -1.98 14.72
N HIS A 122 1.22 -2.94 14.38
CA HIS A 122 2.60 -2.90 14.82
C HIS A 122 3.32 -1.65 14.25
N ALA A 123 3.23 -1.46 12.93
CA ALA A 123 3.84 -0.25 12.34
C ALA A 123 3.25 1.02 12.95
N GLY A 124 1.95 0.98 13.27
CA GLY A 124 1.29 2.19 13.80
C GLY A 124 1.49 2.36 15.29
N ASN A 125 2.35 1.55 15.88
CA ASN A 125 2.58 1.59 17.34
C ASN A 125 3.68 2.61 17.71
N MET A 126 4.41 3.10 16.71
CA MET A 126 5.60 3.90 17.00
C MET A 126 5.28 5.36 16.88
N ILE A 127 5.34 6.08 18.00
CA ILE A 127 5.13 7.53 17.94
C ILE A 127 6.50 8.20 17.80
N PRO A 128 6.75 8.96 16.70
CA PRO A 128 8.03 9.69 16.64
C PRO A 128 8.18 10.69 17.79
N ASP A 129 9.40 10.98 18.23
CA ASP A 129 9.60 11.75 19.48
C ASP A 129 9.14 13.22 19.39
N ASN A 130 9.05 13.74 18.18
CA ASN A 130 8.57 15.09 18.00
C ASN A 130 7.03 15.24 17.91
N ASP A 131 6.32 14.10 17.90
CA ASP A 131 4.90 14.02 17.53
C ASP A 131 4.11 14.07 18.84
N LYS A 132 4.08 15.24 19.47
CA LYS A 132 3.51 15.42 20.81
C LYS A 132 2.07 14.95 20.79
N ASN A 133 1.40 15.14 19.66
CA ASN A 133 0.00 14.73 19.56
C ASN A 133 -0.31 13.30 19.10
N SER A 134 0.71 12.48 18.89
CA SER A 134 0.52 11.08 18.44
C SER A 134 -0.23 10.94 17.12
N ASN A 135 0.01 11.82 16.18
CA ASN A 135 -0.67 11.74 14.87
C ASN A 135 -0.01 10.81 13.83
N TYR A 136 1.28 10.60 13.96
CA TYR A 136 2.01 10.00 12.84
C TYR A 136 2.08 8.49 12.99
N LYS A 137 1.56 7.75 12.01
CA LYS A 137 1.65 6.31 12.00
C LYS A 137 2.25 5.84 10.68
N TYR A 138 3.41 5.19 10.76
CA TYR A 138 4.08 4.61 9.59
C TYR A 138 3.25 3.50 8.97
N PRO A 139 3.26 3.43 7.62
CA PRO A 139 2.75 2.35 6.84
C PRO A 139 3.69 1.15 6.96
N ALA A 140 3.32 0.01 6.39
CA ALA A 140 4.18 -1.16 6.50
C ALA A 140 4.08 -2.03 5.25
N VAL A 141 4.98 -3.00 5.11
CA VAL A 141 4.84 -4.00 4.07
C VAL A 141 4.94 -5.35 4.76
N TYR A 142 3.97 -6.22 4.52
CA TYR A 142 4.07 -7.55 5.06
C TYR A 142 4.54 -8.50 3.98
N ASP A 143 5.56 -9.29 4.29
CA ASP A 143 6.06 -10.27 3.30
C ASP A 143 5.62 -11.62 3.78
N ASP A 144 4.70 -12.28 3.06
CA ASP A 144 4.12 -13.52 3.59
C ASP A 144 4.87 -14.78 3.22
N LYS A 145 5.96 -14.64 2.50
CA LYS A 145 6.85 -15.75 2.26
C LYS A 145 7.74 -15.96 3.50
N ASP A 146 8.45 -14.93 3.92
CA ASP A 146 9.21 -14.99 5.15
C ASP A 146 8.37 -14.75 6.40
N LYS A 147 7.11 -14.30 6.25
CA LYS A 147 6.23 -13.97 7.40
C LYS A 147 6.84 -12.90 8.30
N LYS A 148 7.24 -11.81 7.66
CA LYS A 148 7.92 -10.71 8.34
C LYS A 148 7.21 -9.41 8.02
N CYS A 149 6.97 -8.62 9.06
CA CYS A 149 6.44 -7.25 8.95
C CYS A 149 7.59 -6.25 8.92
N HIS A 150 7.55 -5.36 7.93
CA HIS A 150 8.59 -4.39 7.69
C HIS A 150 7.92 -3.04 7.87
N ILE A 151 8.28 -2.30 8.92
CA ILE A 151 7.72 -0.97 9.08
C ILE A 151 8.45 -0.09 8.09
N LEU A 152 7.69 0.75 7.37
CA LEU A 152 8.30 1.69 6.45
C LEU A 152 8.54 3.02 7.13
N TYR A 153 9.81 3.34 7.30
CA TYR A 153 10.20 4.66 7.71
C TYR A 153 9.83 5.72 6.65
N ILE A 154 10.03 5.43 5.36
CA ILE A 154 9.65 6.39 4.32
C ILE A 154 8.23 6.11 3.87
N ALA A 155 7.36 7.14 3.93
CA ALA A 155 5.93 6.96 3.58
C ALA A 155 5.65 7.33 2.13
N ALA A 156 6.50 8.22 1.61
CA ALA A 156 6.52 8.50 0.17
C ALA A 156 6.56 7.22 -0.66
N GLN A 157 5.91 7.28 -1.83
CA GLN A 157 5.79 6.13 -2.71
C GLN A 157 6.19 6.42 -4.15
N GLU A 158 6.26 7.69 -4.53
CA GLU A 158 6.73 8.04 -5.86
C GLU A 158 7.54 9.36 -5.85
N ASN A 159 8.62 9.37 -6.63
CA ASN A 159 9.43 10.56 -6.75
C ASN A 159 10.17 10.50 -8.08
N ASN A 160 9.80 11.33 -9.05
CA ASN A 160 10.50 11.40 -10.35
C ASN A 160 10.86 12.83 -10.77
N GLY A 161 11.65 12.99 -11.81
CA GLY A 161 12.00 14.32 -12.32
C GLY A 161 13.27 14.89 -11.68
N PRO A 162 14.16 15.45 -12.52
CA PRO A 162 15.56 15.78 -12.19
C PRO A 162 15.55 16.78 -11.06
N ARG A 163 14.47 17.51 -11.02
CA ARG A 163 14.11 18.38 -9.93
C ARG A 163 14.27 17.76 -8.51
N TYR A 164 13.78 16.54 -8.31
CA TYR A 164 13.59 16.03 -6.94
C TYR A 164 14.34 14.73 -6.64
N CYS A 165 14.91 14.12 -7.68
CA CYS A 165 15.65 12.87 -7.55
C CYS A 165 16.71 12.89 -8.64
N ASN A 166 17.66 11.99 -8.48
CA ASN A 166 18.76 11.90 -9.39
C ASN A 166 19.13 10.41 -9.56
N LYS A 167 19.23 9.97 -10.82
CA LYS A 167 19.49 8.56 -11.13
C LYS A 167 20.98 8.21 -11.14
N ASP A 168 21.85 9.20 -10.87
CA ASP A 168 23.31 9.05 -10.97
C ASP A 168 23.89 8.19 -9.84
N GLU A 169 24.30 6.95 -10.17
CA GLU A 169 24.78 5.99 -9.18
C GLU A 169 26.12 6.37 -8.54
N SER A 170 26.82 7.36 -9.10
CA SER A 170 28.00 7.86 -8.43
C SER A 170 27.69 8.99 -7.40
N LYS A 171 26.45 9.49 -7.38
CA LYS A 171 26.09 10.47 -6.37
C LYS A 171 25.23 9.84 -5.29
N ARG A 172 25.88 9.27 -4.30
CA ARG A 172 25.20 8.27 -3.46
C ARG A 172 24.51 8.88 -2.24
N ASN A 173 24.67 10.20 -2.05
CA ASN A 173 23.89 10.89 -1.02
C ASN A 173 22.82 11.79 -1.62
N SER A 174 22.58 11.62 -2.92
CA SER A 174 21.51 12.35 -3.60
C SER A 174 20.25 11.51 -3.50
N MET A 175 19.11 12.18 -3.54
CA MET A 175 17.81 11.54 -3.45
C MET A 175 17.60 10.64 -4.66
N PHE A 176 17.22 9.40 -4.40
CA PHE A 176 16.84 8.46 -5.48
C PHE A 176 15.42 8.72 -6.04
N CYS A 177 15.21 8.34 -7.29
CA CYS A 177 13.88 8.32 -7.88
C CYS A 177 13.28 6.98 -7.55
N PHE A 178 11.96 6.93 -7.52
CA PHE A 178 11.28 5.65 -7.29
C PHE A 178 9.80 5.72 -7.70
N ARG A 179 9.17 4.55 -7.83
CA ARG A 179 7.78 4.48 -8.21
C ARG A 179 7.15 3.21 -7.64
N PRO A 180 5.82 3.24 -7.40
CA PRO A 180 5.11 2.05 -6.88
C PRO A 180 4.89 1.08 -8.03
N ALA A 181 4.90 -0.21 -7.78
CA ALA A 181 4.62 -1.15 -8.90
C ALA A 181 4.14 -2.47 -8.37
N LYS A 182 3.48 -3.24 -9.21
CA LYS A 182 3.32 -4.65 -8.96
C LYS A 182 4.25 -5.37 -9.93
N ASP A 183 4.83 -6.47 -9.46
CA ASP A 183 5.93 -7.12 -10.15
C ASP A 183 5.86 -8.52 -9.59
N ILE A 184 6.22 -9.50 -10.40
CA ILE A 184 6.23 -10.89 -9.95
C ILE A 184 7.08 -10.99 -8.67
N SER A 185 8.11 -10.15 -8.54
CA SER A 185 8.96 -10.24 -7.36
C SER A 185 8.31 -9.61 -6.12
N PHE A 186 7.20 -8.88 -6.34
CA PHE A 186 6.49 -8.28 -5.26
C PHE A 186 5.24 -9.11 -4.88
N GLN A 187 5.04 -10.27 -5.55
CA GLN A 187 3.85 -11.14 -5.30
C GLN A 187 3.53 -11.42 -3.82
N ASN A 188 4.58 -11.60 -3.02
CA ASN A 188 4.48 -11.89 -1.60
C ASN A 188 4.42 -10.64 -0.73
N TYR A 189 4.41 -9.45 -1.34
CA TYR A 189 4.37 -8.23 -0.53
C TYR A 189 2.93 -7.69 -0.46
N THR A 190 2.56 -7.15 0.69
CA THR A 190 1.26 -6.50 0.81
C THR A 190 1.51 -5.15 1.49
N TYR A 191 1.13 -4.05 0.84
CA TYR A 191 1.40 -2.73 1.33
C TYR A 191 0.21 -2.29 2.24
N LEU A 192 0.55 -1.90 3.48
CA LEU A 192 -0.44 -1.62 4.55
C LEU A 192 -0.33 -0.18 5.06
N SER A 193 -1.41 0.60 4.92
CA SER A 193 -1.55 1.84 5.65
C SER A 193 -1.85 1.62 7.15
N LYS A 194 -1.65 2.66 7.96
CA LYS A 194 -2.16 2.72 9.35
C LYS A 194 -3.66 2.44 9.51
N ASN A 195 -4.45 2.67 8.49
CA ASN A 195 -5.92 2.47 8.55
C ASN A 195 -6.45 1.09 8.16
N VAL A 196 -5.58 0.14 7.87
CA VAL A 196 -6.08 -1.19 7.48
C VAL A 196 -7.10 -1.74 8.49
N VAL A 197 -8.31 -2.06 8.01
CA VAL A 197 -9.38 -2.49 8.90
C VAL A 197 -9.18 -3.98 9.24
N ASP A 198 -9.51 -4.34 10.46
CA ASP A 198 -9.33 -5.75 10.84
C ASP A 198 -10.27 -6.73 10.21
N ASN A 199 -11.34 -6.26 9.58
CA ASN A 199 -12.18 -7.19 8.85
C ASN A 199 -11.98 -7.06 7.34
N TRP A 200 -10.81 -6.58 6.92
CA TRP A 200 -10.52 -6.41 5.48
C TRP A 200 -10.89 -7.70 4.72
N GLU A 201 -10.80 -8.85 5.37
CA GLU A 201 -11.09 -10.07 4.62
C GLU A 201 -12.52 -10.08 4.09
N LYS A 202 -13.42 -9.42 4.81
CA LYS A 202 -14.84 -9.40 4.41
C LYS A 202 -15.17 -8.20 3.54
N VAL A 203 -14.52 -7.07 3.76
CA VAL A 203 -14.99 -5.86 3.14
C VAL A 203 -14.07 -5.36 2.02
N CYS A 204 -12.96 -6.06 1.78
CA CYS A 204 -11.99 -5.60 0.78
C CYS A 204 -11.78 -6.63 -0.35
N PRO A 205 -11.49 -6.17 -1.59
CA PRO A 205 -11.11 -7.14 -2.60
C PRO A 205 -9.84 -7.91 -2.21
N ARG A 206 -9.75 -9.17 -2.61
CA ARG A 206 -8.48 -9.88 -2.58
C ARG A 206 -8.31 -10.76 -3.83
N LYS A 207 -9.23 -11.70 -3.97
CA LYS A 207 -9.21 -12.64 -5.06
C LYS A 207 -9.87 -12.12 -6.33
N ASN A 208 -9.27 -12.55 -7.46
CA ASN A 208 -9.82 -12.27 -8.77
C ASN A 208 -10.93 -13.29 -9.00
N LEU A 209 -12.05 -12.83 -9.59
CA LEU A 209 -13.23 -13.68 -9.70
C LEU A 209 -13.27 -14.40 -11.07
N GLN A 210 -13.13 -15.70 -10.99
CA GLN A 210 -13.11 -16.53 -12.18
C GLN A 210 -14.50 -16.66 -12.75
N ASN A 211 -14.58 -16.57 -14.08
CA ASN A 211 -15.80 -16.75 -14.83
C ASN A 211 -16.81 -15.65 -14.55
N ALA A 212 -16.32 -14.47 -14.19
CA ALA A 212 -17.20 -13.37 -13.84
C ALA A 212 -16.69 -12.09 -14.50
N LYS A 213 -17.64 -11.25 -14.89
CA LYS A 213 -17.35 -9.97 -15.50
C LYS A 213 -18.09 -8.91 -14.64
N PHE A 214 -17.37 -7.91 -14.17
CA PHE A 214 -17.99 -6.79 -13.49
C PHE A 214 -19.08 -6.16 -14.40
N GLY A 215 -20.24 -5.86 -13.82
CA GLY A 215 -21.24 -5.13 -14.58
C GLY A 215 -21.88 -4.06 -13.74
N LEU A 216 -22.90 -3.40 -14.31
CA LEU A 216 -23.71 -2.40 -13.62
C LEU A 216 -25.16 -2.86 -13.55
N TRP A 217 -25.71 -2.84 -12.34
CA TRP A 217 -27.10 -3.23 -12.14
C TRP A 217 -28.06 -2.09 -12.53
N VAL A 218 -28.92 -2.31 -13.53
CA VAL A 218 -29.86 -1.30 -13.96
C VAL A 218 -31.21 -1.97 -14.15
N ASP A 219 -32.18 -1.52 -13.34
CA ASP A 219 -33.57 -1.90 -13.54
C ASP A 219 -33.77 -3.40 -13.62
N GLY A 220 -33.26 -4.14 -12.64
CA GLY A 220 -33.45 -5.59 -12.61
C GLY A 220 -32.51 -6.47 -13.42
N ASN A 221 -31.51 -5.85 -14.04
CA ASN A 221 -30.60 -6.62 -14.89
C ASN A 221 -29.13 -6.14 -14.77
N CYS A 222 -28.19 -7.07 -14.93
CA CYS A 222 -26.78 -6.71 -14.84
C CYS A 222 -26.23 -6.36 -16.22
N GLU A 223 -25.97 -5.08 -16.47
CA GLU A 223 -25.53 -4.62 -17.78
C GLU A 223 -24.02 -4.56 -17.88
N ASP A 224 -23.49 -4.76 -19.08
CA ASP A 224 -22.08 -4.58 -19.33
C ASP A 224 -21.64 -3.16 -18.95
N ILE A 225 -20.41 -3.04 -18.48
CA ILE A 225 -19.81 -1.71 -18.34
C ILE A 225 -19.84 -1.05 -19.73
N PRO A 226 -20.52 0.11 -19.87
CA PRO A 226 -20.77 0.63 -21.25
C PRO A 226 -19.55 1.27 -21.92
N HIS A 227 -18.54 1.64 -21.14
CA HIS A 227 -17.33 2.18 -21.72
C HIS A 227 -16.14 1.74 -20.91
N VAL A 228 -15.19 1.08 -21.57
CA VAL A 228 -13.97 0.61 -20.94
C VAL A 228 -12.74 1.03 -21.74
N ASN A 229 -11.60 1.01 -21.09
CA ASN A 229 -10.34 1.37 -21.75
C ASN A 229 -9.54 0.07 -21.90
N GLU A 230 -9.38 -0.36 -23.15
CA GLU A 230 -8.79 -1.66 -23.47
C GLU A 230 -7.28 -1.63 -23.63
N PHE A 231 -6.65 -2.48 -22.83
CA PHE A 231 -5.21 -2.67 -22.88
C PHE A 231 -4.93 -4.16 -23.14
N PRO A 232 -4.04 -4.47 -24.10
CA PRO A 232 -3.70 -5.90 -24.28
C PRO A 232 -2.89 -6.44 -23.10
N ALA A 233 -3.14 -7.68 -22.69
CA ALA A 233 -2.36 -8.23 -21.57
C ALA A 233 -2.31 -9.73 -21.71
N ILE A 234 -1.12 -10.29 -21.55
CA ILE A 234 -0.89 -11.67 -21.89
C ILE A 234 -1.55 -12.59 -20.89
N ASP A 235 -1.67 -12.13 -19.65
CA ASP A 235 -2.32 -12.90 -18.60
C ASP A 235 -2.92 -11.98 -17.53
N LEU A 236 -3.60 -12.63 -16.58
CA LEU A 236 -4.26 -11.94 -15.48
C LEU A 236 -3.27 -11.07 -14.67
N PHE A 237 -2.08 -11.62 -14.38
CA PHE A 237 -1.05 -10.86 -13.68
C PHE A 237 -0.82 -9.50 -14.34
N GLU A 238 -0.63 -9.50 -15.66
CA GLU A 238 -0.33 -8.27 -16.37
C GLU A 238 -1.50 -7.29 -16.41
N CYS A 239 -2.72 -7.82 -16.52
CA CYS A 239 -3.93 -7.01 -16.36
C CYS A 239 -4.02 -6.32 -14.97
N ASN A 240 -3.80 -7.11 -13.93
CA ASN A 240 -3.82 -6.54 -12.59
C ASN A 240 -2.77 -5.43 -12.44
N LYS A 241 -1.62 -5.61 -13.08
CA LYS A 241 -0.56 -4.63 -13.05
C LYS A 241 -0.98 -3.30 -13.71
N LEU A 242 -1.59 -3.42 -14.88
CA LEU A 242 -2.09 -2.27 -15.62
C LEU A 242 -3.14 -1.47 -14.81
N VAL A 243 -4.07 -2.18 -14.21
CA VAL A 243 -5.16 -1.58 -13.42
C VAL A 243 -4.56 -0.83 -12.26
N PHE A 244 -3.64 -1.50 -11.55
CA PHE A 244 -2.84 -0.84 -10.53
C PHE A 244 -2.17 0.46 -10.97
N GLU A 245 -1.51 0.44 -12.13
CA GLU A 245 -0.82 1.64 -12.67
C GLU A 245 -1.77 2.79 -12.91
N LEU A 246 -3.03 2.48 -13.25
CA LEU A 246 -4.01 3.48 -13.62
C LEU A 246 -4.95 3.84 -12.48
N SER A 247 -4.72 3.27 -11.30
CA SER A 247 -5.69 3.35 -10.22
C SER A 247 -5.54 4.63 -9.44
N ALA A 248 -6.49 4.85 -8.52
CA ALA A 248 -6.51 6.02 -7.65
C ALA A 248 -5.11 6.37 -7.17
N SER A 249 -4.73 7.64 -7.31
CA SER A 249 -3.40 8.07 -6.91
C SER A 249 -3.47 9.43 -6.21
N ASP A 250 -2.77 9.55 -5.08
CA ASP A 250 -2.76 10.81 -4.29
C ASP A 250 -1.47 11.62 -4.56
N GLN A 251 -0.77 11.24 -5.63
CA GLN A 251 0.51 11.86 -5.98
C GLN A 251 0.26 13.23 -6.60
N PRO A 252 0.99 14.28 -6.18
CA PRO A 252 0.78 15.63 -6.74
C PRO A 252 0.89 15.65 -8.26
N ASP A 290 -7.71 19.73 0.11
CA ASP A 290 -6.96 18.51 -0.14
C ASP A 290 -7.01 18.20 -1.64
N ARG A 291 -6.30 19.03 -2.39
CA ARG A 291 -6.25 19.02 -3.85
C ARG A 291 -5.63 17.76 -4.43
N TYR A 292 -4.63 17.21 -3.73
CA TYR A 292 -3.98 16.01 -4.22
C TYR A 292 -4.59 14.71 -3.78
N LYS A 293 -5.68 14.68 -3.02
CA LYS A 293 -6.27 13.41 -2.57
C LYS A 293 -7.27 12.80 -3.54
N SER A 294 -7.12 11.52 -3.89
CA SER A 294 -8.09 10.86 -4.79
C SER A 294 -9.35 10.41 -4.04
N HIS A 295 -9.24 10.21 -2.73
CA HIS A 295 -10.30 9.58 -1.96
C HIS A 295 -10.72 8.23 -2.56
N GLY A 296 -9.82 7.59 -3.30
CA GLY A 296 -10.09 6.27 -3.81
C GLY A 296 -10.77 6.23 -5.18
N LYS A 297 -10.93 7.42 -5.77
CA LYS A 297 -11.44 7.60 -7.15
C LYS A 297 -10.34 7.35 -8.17
N GLY A 298 -10.63 6.53 -9.18
CA GLY A 298 -9.67 6.25 -10.25
C GLY A 298 -10.00 4.97 -11.01
N TYR A 299 -9.09 4.57 -11.92
CA TYR A 299 -9.30 3.37 -12.70
C TYR A 299 -8.92 2.11 -11.93
N ASN A 300 -9.84 1.64 -11.07
CA ASN A 300 -9.50 0.67 -10.03
C ASN A 300 -9.96 -0.74 -10.37
N TRP A 301 -10.72 -0.87 -11.47
CA TRP A 301 -11.34 -2.15 -11.81
C TRP A 301 -10.94 -2.54 -13.23
N GLY A 302 -10.90 -3.85 -13.48
CA GLY A 302 -10.64 -4.37 -14.83
C GLY A 302 -11.44 -5.65 -15.07
N ASN A 303 -11.95 -5.80 -16.28
CA ASN A 303 -12.52 -7.08 -16.69
C ASN A 303 -11.51 -7.67 -17.67
N TYR A 304 -10.93 -8.81 -17.27
CA TYR A 304 -9.87 -9.39 -18.06
C TYR A 304 -10.46 -10.48 -18.91
N ASN A 305 -10.40 -10.34 -20.23
CA ASN A 305 -10.90 -11.40 -21.11
C ASN A 305 -9.69 -12.29 -21.42
N THR A 306 -9.70 -13.52 -20.89
CA THR A 306 -8.55 -14.42 -21.07
C THR A 306 -8.38 -14.89 -22.52
N GLU A 307 -9.42 -14.86 -23.35
CA GLU A 307 -9.32 -15.35 -24.72
C GLU A 307 -8.86 -14.28 -25.69
N THR A 308 -9.35 -13.06 -25.52
CA THR A 308 -8.89 -11.97 -26.38
C THR A 308 -7.68 -11.27 -25.77
N GLN A 309 -7.31 -11.67 -24.54
CA GLN A 309 -6.16 -11.06 -23.81
C GLN A 309 -6.27 -9.54 -23.72
N LYS A 310 -7.47 -9.10 -23.33
CA LYS A 310 -7.78 -7.69 -23.18
C LYS A 310 -8.13 -7.44 -21.73
N CYS A 311 -7.46 -6.44 -21.19
CA CYS A 311 -7.69 -5.90 -19.88
C CYS A 311 -8.58 -4.68 -20.07
N GLU A 312 -9.84 -4.87 -19.72
CA GLU A 312 -10.89 -3.85 -19.94
C GLU A 312 -11.07 -3.02 -18.67
N ILE A 313 -10.48 -1.82 -18.68
CA ILE A 313 -10.27 -1.04 -17.46
C ILE A 313 -11.24 0.12 -17.39
N PHE A 314 -11.83 0.31 -16.21
CA PHE A 314 -12.85 1.29 -16.02
C PHE A 314 -12.76 1.90 -14.62
N ASN A 315 -13.50 2.99 -14.42
CA ASN A 315 -13.31 3.87 -13.27
C ASN A 315 -14.57 4.24 -12.51
N VAL A 316 -15.59 3.37 -12.55
CA VAL A 316 -16.78 3.54 -11.73
C VAL A 316 -17.00 2.23 -10.98
N LYS A 317 -17.64 2.30 -9.80
CA LYS A 317 -17.82 1.08 -9.02
C LYS A 317 -18.80 0.17 -9.73
N PRO A 318 -18.44 -1.11 -9.87
CA PRO A 318 -19.40 -2.08 -10.45
C PRO A 318 -20.35 -2.50 -9.35
N THR A 319 -21.55 -2.95 -9.74
CA THR A 319 -22.64 -3.21 -8.79
C THR A 319 -23.33 -4.56 -9.05
N CYS A 320 -22.73 -5.37 -9.93
CA CYS A 320 -23.18 -6.76 -10.11
C CYS A 320 -22.13 -7.54 -10.91
N LEU A 321 -22.36 -8.85 -11.05
CA LEU A 321 -21.53 -9.73 -11.85
C LEU A 321 -22.31 -10.41 -12.96
N ILE A 322 -21.64 -10.58 -14.11
CA ILE A 322 -22.14 -11.35 -15.24
C ILE A 322 -21.33 -12.62 -15.34
N ASN A 323 -22.01 -13.76 -15.43
CA ASN A 323 -21.36 -15.05 -15.60
C ASN A 323 -20.86 -15.17 -17.03
N ASN A 324 -19.55 -15.14 -17.22
CA ASN A 324 -18.98 -15.29 -18.56
C ASN A 324 -17.67 -16.09 -18.41
N SER A 325 -17.64 -17.31 -18.93
CA SER A 325 -16.45 -18.16 -18.84
C SER A 325 -15.19 -17.53 -19.44
N SER A 326 -15.31 -16.42 -20.16
CA SER A 326 -14.11 -15.84 -20.74
C SER A 326 -13.45 -14.79 -19.84
N TYR A 327 -14.09 -14.49 -18.71
CA TYR A 327 -13.68 -13.33 -17.91
C TYR A 327 -13.19 -13.70 -16.53
N ILE A 328 -12.24 -12.89 -16.06
CA ILE A 328 -11.76 -12.85 -14.70
C ILE A 328 -11.85 -11.39 -14.19
N ALA A 329 -12.57 -11.19 -13.10
CA ALA A 329 -12.76 -9.82 -12.57
C ALA A 329 -11.65 -9.40 -11.55
N THR A 330 -10.92 -8.32 -11.87
CA THR A 330 -9.80 -7.91 -11.03
C THR A 330 -9.95 -6.47 -10.55
N THR A 331 -9.20 -6.09 -9.51
CA THR A 331 -9.14 -4.68 -9.10
C THR A 331 -7.70 -4.37 -8.72
N ALA A 332 -7.38 -3.07 -8.63
CA ALA A 332 -6.03 -2.60 -8.32
C ALA A 332 -5.59 -3.11 -6.92
N LEU A 333 -6.55 -3.32 -6.02
CA LEU A 333 -6.29 -3.86 -4.67
C LEU A 333 -6.04 -5.36 -4.63
N SER A 334 -6.70 -6.08 -5.54
CA SER A 334 -6.68 -7.56 -5.60
C SER A 334 -5.28 -8.09 -5.82
N HIS A 335 -5.02 -9.31 -5.33
CA HIS A 335 -3.71 -9.96 -5.51
C HIS A 335 -3.58 -10.27 -6.99
N PRO A 336 -2.36 -10.11 -7.57
CA PRO A 336 -2.29 -10.26 -9.02
C PRO A 336 -2.31 -11.74 -9.55
N ILE A 337 -2.36 -12.72 -8.64
CA ILE A 337 -2.35 -14.16 -8.97
C ILE A 337 -3.64 -14.89 -8.51
N GLU A 338 -4.03 -14.70 -7.25
CA GLU A 338 -5.06 -15.49 -6.66
C GLU A 338 -6.39 -15.39 -7.36
N VAL A 339 -6.99 -16.54 -7.63
CA VAL A 339 -8.29 -16.58 -8.29
C VAL A 339 -9.28 -17.35 -7.39
N GLU A 340 -10.47 -16.80 -7.23
CA GLU A 340 -11.57 -17.49 -6.57
C GLU A 340 -12.32 -18.33 -7.57
N ALA A 341 -12.33 -19.63 -7.34
CA ALA A 341 -13.04 -20.62 -8.16
C ALA A 341 -14.48 -20.21 -8.52
N ALA A 342 -14.93 -20.54 -9.73
CA ALA A 342 -16.32 -20.23 -10.16
C ALA A 342 -17.34 -20.89 -9.23
N ALA A 343 -17.02 -22.10 -8.79
CA ALA A 343 -17.68 -22.74 -7.68
C ALA A 343 -18.16 -21.74 -6.60
N THR B 3 11.17 21.74 -0.31
CA THR B 3 10.60 21.16 0.95
C THR B 3 9.08 21.16 0.94
N GLN B 4 8.49 22.17 0.32
CA GLN B 4 7.07 22.13 0.04
C GLN B 4 6.71 20.92 -0.83
N GLN B 5 7.44 20.74 -1.92
CA GLN B 5 7.13 19.64 -2.81
C GLN B 5 7.52 18.29 -2.21
N ALA B 6 8.53 18.28 -1.35
CA ALA B 6 8.90 17.08 -0.60
C ALA B 6 7.75 16.61 0.31
N LYS B 7 7.18 17.56 1.08
CA LYS B 7 6.01 17.29 1.92
C LYS B 7 4.89 16.72 1.06
N ASP B 8 4.65 17.37 -0.08
CA ASP B 8 3.58 17.00 -0.99
C ASP B 8 3.72 15.58 -1.54
N ILE B 9 4.94 15.03 -1.57
CA ILE B 9 5.12 13.66 -2.07
C ILE B 9 5.25 12.65 -0.92
N GLY B 10 5.14 13.17 0.30
CA GLY B 10 5.07 12.29 1.46
C GLY B 10 6.34 12.23 2.28
N ALA B 11 7.28 13.14 2.07
CA ALA B 11 8.42 13.27 3.01
C ALA B 11 7.92 13.40 4.46
N GLY B 12 8.57 12.70 5.38
CA GLY B 12 8.05 12.60 6.75
C GLY B 12 8.86 13.41 7.77
N PRO B 13 8.49 13.33 9.04
CA PRO B 13 9.30 14.05 10.03
C PRO B 13 10.56 13.23 10.35
N VAL B 14 11.65 13.90 10.77
CA VAL B 14 12.81 13.18 11.31
C VAL B 14 12.48 12.67 12.70
N ALA B 15 12.95 11.49 13.03
CA ALA B 15 12.75 10.99 14.38
C ALA B 15 13.97 10.21 14.84
N SER B 16 14.30 10.36 16.12
CA SER B 16 15.44 9.68 16.73
C SER B 16 15.01 8.52 17.65
N CYS B 17 14.07 8.79 18.55
CA CYS B 17 13.46 7.76 19.37
C CYS B 17 11.93 7.77 19.19
N PHE B 18 11.27 6.76 19.77
CA PHE B 18 9.82 6.59 19.65
C PHE B 18 9.29 6.10 20.96
N THR B 19 8.04 6.40 21.21
CA THR B 19 7.32 5.82 22.31
C THR B 19 6.27 4.93 21.61
N THR B 20 5.80 3.91 22.33
CA THR B 20 4.75 3.08 21.83
C THR B 20 3.39 3.65 22.19
N ARG B 21 2.43 3.48 21.29
CA ARG B 21 1.02 3.82 21.57
C ARG B 21 0.35 2.85 22.54
N MET B 22 0.65 1.57 22.40
CA MET B 22 0.05 0.56 23.25
C MET B 22 0.81 0.42 24.55
N SER B 23 0.08 0.49 25.67
CA SER B 23 0.65 0.37 27.00
C SER B 23 1.23 -1.04 27.19
N PRO B 24 2.29 -1.16 28.02
CA PRO B 24 2.87 -0.05 28.76
C PRO B 24 3.72 0.80 27.80
N PRO B 25 3.79 2.11 28.07
CA PRO B 25 4.58 2.95 27.15
C PRO B 25 6.05 2.57 27.25
N GLN B 26 6.67 2.37 26.10
CA GLN B 26 8.04 1.89 26.00
C GLN B 26 8.82 2.89 25.13
N GLN B 27 10.06 3.20 25.49
CA GLN B 27 10.89 3.99 24.60
C GLN B 27 11.78 3.11 23.73
N ILE B 28 11.90 3.50 22.46
CA ILE B 28 12.65 2.74 21.46
C ILE B 28 13.47 3.73 20.64
N CYS B 29 14.78 3.51 20.51
CA CYS B 29 15.62 4.46 19.80
C CYS B 29 16.34 3.81 18.62
N LEU B 30 16.51 4.60 17.56
CA LEU B 30 17.36 4.20 16.44
C LEU B 30 18.74 4.06 16.97
N ASN B 31 19.47 3.06 16.49
CA ASN B 31 20.87 2.90 16.82
C ASN B 31 21.68 4.13 16.33
N SER B 32 21.38 4.62 15.12
CA SER B 32 21.99 5.87 14.61
C SER B 32 21.00 6.77 13.88
N VAL B 33 21.39 8.03 13.74
CA VAL B 33 20.65 9.00 12.95
C VAL B 33 20.43 8.57 11.50
N VAL B 34 19.20 8.72 11.04
CA VAL B 34 18.83 8.62 9.62
C VAL B 34 19.62 9.64 8.77
N ASN B 35 20.07 9.18 7.61
CA ASN B 35 20.70 10.03 6.61
C ASN B 35 20.05 11.41 6.47
N THR B 36 20.89 12.40 6.74
CA THR B 36 20.61 13.82 6.60
C THR B 36 19.81 14.24 5.39
N ALA B 37 20.11 13.66 4.22
CA ALA B 37 19.49 14.09 2.96
C ALA B 37 17.98 13.79 2.90
N LEU B 38 17.50 12.95 3.83
CA LEU B 38 16.07 12.94 4.11
C LEU B 38 15.85 13.99 5.22
C1 GOL C . -25.89 0.49 -20.27
O1 GOL C . -25.52 0.26 -18.91
C2 GOL C . -27.11 1.38 -20.17
O2 GOL C . -27.72 1.07 -18.95
C3 GOL C . -28.16 1.01 -21.20
O3 GOL C . -29.27 0.74 -20.39
C1 GOL D . -18.45 -16.08 -8.21
O1 GOL D . -17.47 -17.07 -8.39
C2 GOL D . -19.51 -16.53 -7.21
O2 GOL D . -20.44 -17.37 -7.85
C3 GOL D . -20.25 -15.32 -6.62
O3 GOL D . -21.65 -15.50 -6.69
C1 GOL E . 11.18 12.92 -0.88
O1 GOL E . 11.50 12.11 0.27
C2 GOL E . 12.36 13.81 -1.35
O2 GOL E . 12.00 14.63 -2.47
C3 GOL E . 12.97 14.74 -0.28
O3 GOL E . 12.89 14.23 1.06
C1 GOL F . -1.60 -14.23 4.71
O1 GOL F . -0.30 -14.73 4.51
C2 GOL F . -1.77 -12.78 4.24
O2 GOL F . -3.17 -12.54 4.05
C3 GOL F . -1.05 -12.48 2.92
O3 GOL F . -0.97 -13.63 2.08
C1 GOL G . 14.79 -5.28 -7.20
O1 GOL G . 15.83 -4.33 -7.41
C2 GOL G . 13.38 -4.77 -7.54
O2 GOL G . 13.35 -3.45 -8.09
C3 GOL G . 12.67 -5.69 -8.52
O3 GOL G . 11.96 -4.89 -9.46
#